data_8Q2S
#
_entry.id   8Q2S
#
_cell.length_a   39.910
_cell.length_b   103.680
_cell.length_c   42.090
_cell.angle_alpha   90.000
_cell.angle_beta   105.120
_cell.angle_gamma   90.000
#
_symmetry.space_group_name_H-M   'P 1 21 1'
#
loop_
_entity.id
_entity.type
_entity.pdbx_description
1 polymer 'YTH domain-containing protein 1'
2 non-polymer 2-chloranyl-~{N}-methyl-9-phenyl-purin-6-amine
3 non-polymer 'SULFATE ION'
4 water water
#
_entity_poly.entity_id   1
_entity_poly.type   'polypeptide(L)'
_entity_poly.pdbx_seq_one_letter_code
;GTSKLKYVLQDARFFLIKSNNHENVSLAKAKGVWSTLPVNEKKLNLAFRSARSVILIFSVRESGKFQGFARLSSESHHGG
SPIHWVLPAGMSAKMLGGVFKIDWICRRELPFTKSAHLTNPWNEHKPVKIGRDGQEIELECGTQLCLLFPPDESIDLYQV
IHKMRH
;
_entity_poly.pdbx_strand_id   A,B
#
loop_
_chem_comp.id
_chem_comp.type
_chem_comp.name
_chem_comp.formula
IU2 non-polymer 2-chloranyl-~{N}-methyl-9-phenyl-purin-6-amine 'C12 H10 Cl N5'
SO4 non-polymer 'SULFATE ION' 'O4 S -2'
#
# COMPACT_ATOMS: atom_id res chain seq x y z
N GLY A 1 4.90 -2.68 -4.74
CA GLY A 1 5.78 -3.30 -3.77
C GLY A 1 5.02 -3.92 -2.62
N THR A 2 5.76 -4.35 -1.59
CA THR A 2 5.18 -5.08 -0.48
C THR A 2 5.45 -4.43 0.87
N SER A 3 6.06 -3.25 0.89
CA SER A 3 6.49 -2.66 2.16
C SER A 3 5.30 -2.19 2.99
N LYS A 4 4.35 -1.47 2.37
CA LYS A 4 3.17 -1.05 3.12
C LYS A 4 2.36 -2.27 3.59
N LEU A 5 2.25 -3.32 2.77
CA LEU A 5 1.58 -4.54 3.18
C LEU A 5 2.24 -5.13 4.42
N LYS A 6 3.58 -5.24 4.41
CA LYS A 6 4.27 -5.76 5.58
C LYS A 6 4.01 -4.91 6.81
N TYR A 7 3.94 -3.59 6.64
CA TYR A 7 3.65 -2.71 7.76
C TYR A 7 2.26 -2.96 8.34
N VAL A 8 1.27 -3.16 7.48
CA VAL A 8 -0.08 -3.43 7.95
C VAL A 8 -0.14 -4.76 8.71
N LEU A 9 0.64 -5.75 8.25
CA LEU A 9 0.65 -7.09 8.86
C LEU A 9 1.52 -7.17 10.11
N GLN A 10 2.28 -6.13 10.41
CA GLN A 10 3.18 -6.17 11.58
C GLN A 10 2.37 -6.36 12.85
N ASP A 11 2.69 -7.41 13.60
CA ASP A 11 2.03 -7.72 14.87
C ASP A 11 0.53 -7.87 14.72
N ALA A 12 0.07 -8.27 13.53
CA ALA A 12 -1.34 -8.50 13.30
C ALA A 12 -1.78 -9.83 13.91
N ARG A 13 -3.08 -9.97 14.08
CA ARG A 13 -3.71 -11.27 14.28
C ARG A 13 -4.47 -11.69 13.03
N PHE A 14 -4.57 -13.01 12.83
CA PHE A 14 -5.13 -13.57 11.60
C PHE A 14 -6.17 -14.62 11.94
N PHE A 15 -7.29 -14.61 11.21
CA PHE A 15 -8.38 -15.57 11.40
C PHE A 15 -8.83 -16.11 10.06
N LEU A 16 -8.97 -17.43 9.97
CA LEU A 16 -9.52 -18.08 8.79
C LEU A 16 -11.02 -17.93 8.81
N ILE A 17 -11.59 -17.44 7.71
CA ILE A 17 -13.03 -17.31 7.56
C ILE A 17 -13.47 -18.28 6.48
N LYS A 18 -14.40 -19.16 6.81
CA LYS A 18 -14.95 -20.11 5.84
C LYS A 18 -16.36 -19.67 5.49
N SER A 19 -16.64 -19.55 4.20
CA SER A 19 -17.96 -19.19 3.73
C SER A 19 -18.54 -20.38 2.99
N ASN A 20 -19.84 -20.62 3.18
CA ASN A 20 -20.46 -21.74 2.51
C ASN A 20 -20.74 -21.46 1.03
N ASN A 21 -20.72 -20.20 0.61
CA ASN A 21 -21.01 -19.89 -0.79
C ASN A 21 -20.19 -18.69 -1.24
N HIS A 22 -20.08 -18.57 -2.57
CA HIS A 22 -19.35 -17.44 -3.15
C HIS A 22 -20.13 -16.15 -3.03
N GLU A 23 -21.47 -16.23 -2.99
CA GLU A 23 -22.28 -15.02 -3.02
C GLU A 23 -21.98 -14.13 -1.83
N ASN A 24 -21.79 -14.72 -0.64
CA ASN A 24 -21.52 -13.89 0.53
C ASN A 24 -20.15 -13.25 0.47
N VAL A 25 -19.15 -13.94 -0.08
CA VAL A 25 -17.83 -13.32 -0.23
C VAL A 25 -17.89 -12.18 -1.25
N SER A 26 -18.67 -12.37 -2.32
CA SER A 26 -18.84 -11.29 -3.29
CA SER A 26 -18.84 -11.29 -3.29
C SER A 26 -19.49 -10.08 -2.64
N LEU A 27 -20.53 -10.31 -1.82
CA LEU A 27 -21.19 -9.20 -1.14
C LEU A 27 -20.23 -8.50 -0.19
N ALA A 28 -19.38 -9.29 0.51
CA ALA A 28 -18.40 -8.69 1.42
C ALA A 28 -17.40 -7.82 0.67
N LYS A 29 -16.98 -8.27 -0.53
CA LYS A 29 -16.05 -7.48 -1.34
C LYS A 29 -16.70 -6.19 -1.84
N ALA A 30 -17.99 -6.22 -2.16
CA ALA A 30 -18.65 -5.04 -2.69
C ALA A 30 -18.96 -4.02 -1.61
N LYS A 31 -19.38 -4.49 -0.44
CA LYS A 31 -19.90 -3.62 0.60
C LYS A 31 -18.93 -3.41 1.77
N GLY A 32 -17.83 -4.16 1.83
CA GLY A 32 -16.88 -3.95 2.92
C GLY A 32 -17.42 -4.35 4.29
N VAL A 33 -18.14 -5.46 4.36
CA VAL A 33 -18.75 -5.94 5.60
C VAL A 33 -18.57 -7.44 5.71
N TRP A 34 -18.60 -7.92 6.95
CA TRP A 34 -18.67 -9.35 7.19
C TRP A 34 -19.49 -9.61 8.44
N SER A 35 -20.17 -10.75 8.44
CA SER A 35 -20.91 -11.24 9.60
C SER A 35 -20.56 -12.70 9.80
N THR A 36 -20.49 -13.14 11.06
CA THR A 36 -20.17 -14.52 11.39
C THR A 36 -21.07 -14.98 12.53
N LEU A 37 -20.92 -16.24 12.92
CA LEU A 37 -21.72 -16.80 13.99
C LEU A 37 -21.28 -16.23 15.34
N PRO A 38 -22.16 -16.30 16.36
CA PRO A 38 -21.86 -15.60 17.63
C PRO A 38 -20.57 -16.03 18.30
N VAL A 39 -20.19 -17.31 18.21
CA VAL A 39 -18.93 -17.73 18.84
C VAL A 39 -17.75 -17.01 18.21
N ASN A 40 -17.73 -16.92 16.88
CA ASN A 40 -16.64 -16.21 16.21
C ASN A 40 -16.76 -14.70 16.35
N GLU A 41 -17.99 -14.18 16.39
CA GLU A 41 -18.18 -12.75 16.59
C GLU A 41 -17.53 -12.28 17.90
N LYS A 42 -17.73 -13.04 18.98
CA LYS A 42 -17.10 -12.69 20.25
C LYS A 42 -15.58 -12.70 20.15
N LYS A 43 -15.02 -13.73 19.50
CA LYS A 43 -13.57 -13.82 19.37
C LYS A 43 -13.00 -12.64 18.57
N LEU A 44 -13.68 -12.28 17.46
CA LEU A 44 -13.19 -11.17 16.64
C LEU A 44 -13.29 -9.83 17.35
N ASN A 45 -14.37 -9.62 18.12
CA ASN A 45 -14.49 -8.39 18.89
C ASN A 45 -13.36 -8.24 19.91
N LEU A 46 -13.04 -9.33 20.63
CA LEU A 46 -11.90 -9.30 21.56
C LEU A 46 -10.61 -9.03 20.83
N ALA A 47 -10.42 -9.66 19.67
CA ALA A 47 -9.16 -9.50 18.95
C ALA A 47 -9.02 -8.08 18.43
N PHE A 48 -10.13 -7.46 18.01
CA PHE A 48 -10.07 -6.12 17.45
C PHE A 48 -9.50 -5.12 18.45
N ARG A 49 -9.83 -5.28 19.73
CA ARG A 49 -9.31 -4.39 20.76
C ARG A 49 -7.86 -4.69 21.12
N SER A 50 -7.39 -5.90 20.80
CA SER A 50 -6.13 -6.42 21.29
C SER A 50 -4.95 -6.19 20.35
N ALA A 51 -5.20 -5.85 19.09
CA ALA A 51 -4.13 -5.91 18.10
C ALA A 51 -4.23 -4.71 17.16
N ARG A 52 -3.07 -4.33 16.62
CA ARG A 52 -3.00 -3.20 15.68
C ARG A 52 -3.82 -3.48 14.42
N SER A 53 -3.82 -4.73 13.96
CA SER A 53 -4.59 -5.15 12.80
C SER A 53 -5.14 -6.55 13.07
N VAL A 54 -6.41 -6.76 12.72
CA VAL A 54 -7.00 -8.09 12.70
C VAL A 54 -7.35 -8.42 11.27
N ILE A 55 -6.79 -9.52 10.76
CA ILE A 55 -6.89 -9.87 9.35
C ILE A 55 -7.79 -11.10 9.21
N LEU A 56 -8.79 -11.02 8.34
CA LEU A 56 -9.64 -12.13 7.97
C LEU A 56 -9.18 -12.66 6.63
N ILE A 57 -8.92 -13.94 6.54
CA ILE A 57 -8.48 -14.60 5.31
C ILE A 57 -9.61 -15.54 4.89
N PHE A 58 -10.18 -15.30 3.71
CA PHE A 58 -11.45 -15.89 3.30
C PHE A 58 -11.26 -17.11 2.42
N SER A 59 -12.05 -18.16 2.66
CA SER A 59 -12.06 -19.32 1.78
C SER A 59 -13.48 -19.84 1.64
N VAL A 60 -13.95 -19.94 0.40
CA VAL A 60 -15.26 -20.51 0.12
C VAL A 60 -15.16 -22.02 0.14
N ARG A 61 -16.06 -22.65 0.89
CA ARG A 61 -16.03 -24.10 1.03
C ARG A 61 -16.10 -24.79 -0.33
N GLU A 62 -15.24 -25.80 -0.51
CA GLU A 62 -15.12 -26.62 -1.70
C GLU A 62 -14.47 -25.92 -2.88
N SER A 63 -14.07 -24.67 -2.73
CA SER A 63 -13.45 -23.98 -3.86
C SER A 63 -11.99 -24.36 -4.05
N GLY A 64 -11.34 -24.91 -3.01
CA GLY A 64 -9.92 -25.19 -3.11
C GLY A 64 -9.05 -23.96 -3.15
N LYS A 65 -9.57 -22.80 -2.73
CA LYS A 65 -8.81 -21.56 -2.81
C LYS A 65 -9.19 -20.67 -1.65
N PHE A 66 -8.32 -19.69 -1.39
CA PHE A 66 -8.68 -18.50 -0.64
C PHE A 66 -9.10 -17.42 -1.62
N GLN A 67 -10.06 -16.57 -1.25
CA GLN A 67 -10.56 -15.54 -2.15
C GLN A 67 -10.05 -14.13 -1.82
N GLY A 68 -9.20 -13.99 -0.81
CA GLY A 68 -8.59 -12.73 -0.48
C GLY A 68 -8.52 -12.55 1.02
N PHE A 69 -8.12 -11.35 1.43
CA PHE A 69 -8.04 -11.04 2.86
C PHE A 69 -8.30 -9.56 3.09
N ALA A 70 -8.75 -9.25 4.30
CA ALA A 70 -9.25 -7.93 4.65
C ALA A 70 -8.93 -7.67 6.11
N ARG A 71 -8.95 -6.41 6.51
CA ARG A 71 -8.66 -5.97 7.86
C ARG A 71 -9.92 -5.47 8.52
N LEU A 72 -10.21 -5.92 9.75
CA LEU A 72 -11.32 -5.32 10.49
C LEU A 72 -11.09 -3.83 10.68
N SER A 73 -12.11 -3.04 10.42
CA SER A 73 -12.07 -1.63 10.75
C SER A 73 -13.00 -1.26 11.89
N SER A 74 -13.79 -2.22 12.39
CA SER A 74 -14.70 -1.95 13.50
C SER A 74 -15.01 -3.25 14.24
N GLU A 75 -15.53 -3.11 15.45
CA GLU A 75 -16.19 -4.22 16.11
C GLU A 75 -17.55 -4.44 15.43
N SER A 76 -18.22 -5.53 15.81
CA SER A 76 -19.52 -5.80 15.21
C SER A 76 -20.58 -4.81 15.73
N HIS A 77 -21.52 -4.46 14.85
CA HIS A 77 -22.59 -3.54 15.21
C HIS A 77 -23.89 -4.01 14.58
N HIS A 78 -24.99 -3.70 15.24
CA HIS A 78 -26.32 -4.12 14.81
C HIS A 78 -27.13 -2.90 14.39
N GLY A 79 -28.13 -3.12 13.54
CA GLY A 79 -29.09 -2.09 13.22
C GLY A 79 -28.87 -1.34 11.92
N GLY A 80 -27.90 -1.75 11.11
CA GLY A 80 -27.80 -1.26 9.76
C GLY A 80 -28.88 -1.88 8.90
N SER A 81 -28.80 -1.61 7.61
CA SER A 81 -29.76 -2.18 6.67
C SER A 81 -29.43 -3.65 6.47
N PRO A 82 -30.32 -4.59 6.85
CA PRO A 82 -30.03 -6.02 6.77
C PRO A 82 -29.28 -6.46 5.51
N ILE A 83 -28.06 -6.97 5.70
CA ILE A 83 -27.29 -7.44 4.55
C ILE A 83 -27.94 -8.70 4.00
N HIS A 84 -28.09 -8.76 2.67
CA HIS A 84 -28.81 -9.84 2.02
C HIS A 84 -27.92 -11.07 1.79
N TRP A 85 -27.39 -11.58 2.90
CA TRP A 85 -26.58 -12.79 2.87
C TRP A 85 -27.43 -13.96 2.37
N VAL A 86 -26.77 -14.90 1.68
CA VAL A 86 -27.38 -16.14 1.27
C VAL A 86 -27.15 -17.18 2.37
N LEU A 87 -28.21 -17.57 3.04
CA LEU A 87 -28.09 -18.43 4.20
C LEU A 87 -28.01 -19.89 3.76
N PRO A 88 -27.01 -20.65 4.22
CA PRO A 88 -27.05 -22.11 4.03
C PRO A 88 -28.16 -22.72 4.86
N ALA A 89 -28.36 -24.02 4.66
CA ALA A 89 -29.37 -24.75 5.43
C ALA A 89 -29.05 -24.69 6.91
N GLY A 90 -30.09 -24.53 7.74
CA GLY A 90 -29.91 -24.37 9.17
C GLY A 90 -29.41 -23.02 9.60
N MET A 91 -28.87 -22.21 8.70
CA MET A 91 -28.33 -20.89 9.05
C MET A 91 -29.45 -19.86 9.01
N SER A 92 -29.61 -19.13 10.11
CA SER A 92 -30.62 -18.10 10.23
C SER A 92 -29.98 -16.71 10.10
N ALA A 93 -30.83 -15.70 9.97
CA ALA A 93 -30.35 -14.34 9.77
C ALA A 93 -29.98 -13.65 11.08
N LYS A 94 -30.68 -13.95 12.17
CA LYS A 94 -30.28 -13.45 13.48
C LYS A 94 -28.93 -14.04 13.91
N MET A 95 -28.60 -15.22 13.41
CA MET A 95 -27.31 -15.84 13.72
C MET A 95 -26.18 -15.01 13.14
N LEU A 96 -26.41 -14.40 11.97
CA LEU A 96 -25.42 -13.58 11.29
C LEU A 96 -25.68 -12.08 11.50
N GLY A 97 -26.19 -11.72 12.69
CA GLY A 97 -26.74 -10.39 12.86
C GLY A 97 -25.73 -9.30 13.09
N GLY A 98 -24.60 -9.61 13.74
CA GLY A 98 -23.58 -8.61 13.97
C GLY A 98 -22.74 -8.38 12.72
N VAL A 99 -22.53 -7.11 12.38
CA VAL A 99 -21.86 -6.73 11.13
C VAL A 99 -20.56 -6.03 11.48
N PHE A 100 -19.45 -6.57 10.97
CA PHE A 100 -18.15 -5.92 11.06
C PHE A 100 -17.89 -5.13 9.77
N LYS A 101 -17.29 -3.95 9.91
CA LYS A 101 -16.74 -3.25 8.76
C LYS A 101 -15.33 -3.73 8.49
N ILE A 102 -15.00 -3.94 7.21
CA ILE A 102 -13.69 -4.44 6.81
C ILE A 102 -13.17 -3.63 5.64
N ASP A 103 -11.86 -3.51 5.54
CA ASP A 103 -11.17 -2.92 4.40
C ASP A 103 -10.38 -4.02 3.73
N TRP A 104 -10.64 -4.24 2.45
CA TRP A 104 -9.98 -5.30 1.73
C TRP A 104 -8.52 -4.92 1.50
N ILE A 105 -7.65 -5.90 1.67
CA ILE A 105 -6.23 -5.69 1.40
C ILE A 105 -5.88 -6.39 0.08
N CYS A 106 -6.55 -7.50 -0.21
CA CYS A 106 -6.34 -8.24 -1.45
C CYS A 106 -7.65 -8.92 -1.84
N ARG A 107 -8.12 -8.68 -3.05
CA ARG A 107 -9.33 -9.34 -3.52
C ARG A 107 -9.03 -10.46 -4.51
N ARG A 108 -7.76 -10.82 -4.65
CA ARG A 108 -7.31 -11.86 -5.59
C ARG A 108 -7.34 -13.22 -4.89
N GLU A 109 -7.48 -14.27 -5.70
CA GLU A 109 -7.51 -15.65 -5.23
C GLU A 109 -6.11 -16.18 -4.98
N LEU A 110 -6.00 -17.17 -4.09
CA LEU A 110 -4.80 -17.99 -3.94
C LEU A 110 -5.20 -19.46 -3.84
N PRO A 111 -4.79 -20.33 -4.76
CA PRO A 111 -5.11 -21.76 -4.61
C PRO A 111 -4.39 -22.41 -3.44
N PHE A 112 -5.09 -23.37 -2.82
CA PHE A 112 -4.51 -24.10 -1.69
C PHE A 112 -3.20 -24.77 -2.07
N THR A 113 -3.05 -25.17 -3.34
CA THR A 113 -1.79 -25.79 -3.76
C THR A 113 -0.58 -24.91 -3.48
N LYS A 114 -0.75 -23.58 -3.45
CA LYS A 114 0.36 -22.66 -3.23
C LYS A 114 0.70 -22.46 -1.76
N SER A 115 -0.16 -22.87 -0.84
CA SER A 115 0.10 -22.71 0.59
C SER A 115 0.42 -24.04 1.27
N ALA A 116 0.72 -25.09 0.50
CA ALA A 116 0.93 -26.42 1.06
C ALA A 116 2.15 -26.49 1.94
N HIS A 117 3.06 -25.53 1.86
CA HIS A 117 4.24 -25.49 2.72
C HIS A 117 4.03 -24.74 4.03
N LEU A 118 2.83 -24.24 4.31
CA LEU A 118 2.58 -23.44 5.51
C LEU A 118 1.68 -24.23 6.44
N THR A 119 2.12 -24.39 7.69
CA THR A 119 1.35 -25.08 8.72
C THR A 119 1.04 -24.12 9.85
N ASN A 120 -0.11 -24.34 10.51
CA ASN A 120 -0.61 -23.44 11.53
C ASN A 120 -0.37 -24.06 12.90
N PRO A 121 0.54 -23.52 13.71
CA PRO A 121 0.73 -24.06 15.07
C PRO A 121 -0.54 -24.12 15.91
N TRP A 122 -1.48 -23.20 15.70
CA TRP A 122 -2.69 -23.19 16.50
C TRP A 122 -3.73 -24.20 16.05
N ASN A 123 -3.47 -24.93 14.97
CA ASN A 123 -4.29 -26.07 14.57
C ASN A 123 -3.40 -27.29 14.32
N GLU A 124 -2.61 -27.64 15.33
CA GLU A 124 -1.85 -28.89 15.34
C GLU A 124 -0.86 -29.00 14.18
N HIS A 125 -0.40 -27.85 13.65
CA HIS A 125 0.52 -27.82 12.51
C HIS A 125 -0.05 -28.49 11.26
N LYS A 126 -1.37 -28.52 11.15
CA LYS A 126 -2.00 -28.90 9.91
C LYS A 126 -1.80 -27.80 8.87
N PRO A 127 -1.84 -28.15 7.59
CA PRO A 127 -1.74 -27.13 6.54
C PRO A 127 -2.76 -26.03 6.79
N VAL A 128 -2.32 -24.79 6.55
CA VAL A 128 -3.11 -23.62 6.93
C VAL A 128 -4.48 -23.59 6.25
N LYS A 129 -4.62 -24.23 5.08
CA LYS A 129 -5.94 -24.35 4.47
C LYS A 129 -6.93 -25.11 5.35
N ILE A 130 -6.46 -25.94 6.27
CA ILE A 130 -7.32 -26.74 7.12
C ILE A 130 -7.70 -25.93 8.36
N GLY A 131 -8.99 -25.82 8.62
CA GLY A 131 -9.43 -25.13 9.79
C GLY A 131 -10.91 -24.84 9.71
N ARG A 132 -11.56 -24.75 10.87
CA ARG A 132 -12.95 -24.34 10.93
C ARG A 132 -13.04 -22.83 10.79
N ASP A 133 -14.22 -22.37 10.37
CA ASP A 133 -14.53 -20.95 10.38
C ASP A 133 -14.13 -20.37 11.73
N GLY A 134 -13.34 -19.30 11.70
CA GLY A 134 -12.90 -18.63 12.91
C GLY A 134 -11.56 -19.08 13.47
N GLN A 135 -10.95 -20.11 12.91
CA GLN A 135 -9.68 -20.61 13.43
C GLN A 135 -8.61 -19.52 13.37
N GLU A 136 -7.96 -19.25 14.51
CA GLU A 136 -6.85 -18.31 14.48
C GLU A 136 -5.61 -18.91 13.85
N ILE A 137 -4.90 -18.09 13.07
CA ILE A 137 -3.64 -18.47 12.43
C ILE A 137 -2.51 -17.71 13.11
N GLU A 138 -1.53 -18.45 13.63
CA GLU A 138 -0.38 -17.84 14.28
C GLU A 138 0.33 -16.83 13.37
N LEU A 139 0.93 -15.81 14.00
CA LEU A 139 1.49 -14.62 13.35
C LEU A 139 2.37 -14.95 12.14
N GLU A 140 3.37 -15.83 12.32
CA GLU A 140 4.32 -16.09 11.25
C GLU A 140 3.65 -16.79 10.07
N CYS A 141 2.84 -17.81 10.35
CA CYS A 141 2.12 -18.52 9.29
C CYS A 141 1.15 -17.58 8.56
N GLY A 142 0.44 -16.75 9.33
CA GLY A 142 -0.53 -15.85 8.72
C GLY A 142 0.15 -14.80 7.86
N THR A 143 1.27 -14.26 8.34
CA THR A 143 2.03 -13.30 7.55
C THR A 143 2.51 -13.91 6.24
N GLN A 144 3.11 -15.10 6.31
CA GLN A 144 3.60 -15.73 5.08
C GLN A 144 2.46 -16.06 4.14
N LEU A 145 1.31 -16.48 4.66
CA LEU A 145 0.16 -16.77 3.80
C LEU A 145 -0.29 -15.52 3.06
N CYS A 146 -0.43 -14.41 3.78
CA CYS A 146 -0.86 -13.17 3.12
C CYS A 146 0.14 -12.74 2.07
N LEU A 147 1.44 -12.92 2.32
CA LEU A 147 2.46 -12.54 1.36
C LEU A 147 2.46 -13.43 0.12
N LEU A 148 1.82 -14.60 0.16
CA LEU A 148 1.74 -15.46 -1.01
C LEU A 148 0.71 -14.98 -2.03
N PHE A 149 -0.29 -14.21 -1.61
CA PHE A 149 -1.33 -13.80 -2.54
C PHE A 149 -0.72 -12.94 -3.64
N PRO A 150 -1.27 -13.02 -4.85
CA PRO A 150 -0.87 -12.09 -5.92
C PRO A 150 -1.10 -10.67 -5.44
N PRO A 151 -0.24 -9.73 -5.81
CA PRO A 151 -0.48 -8.34 -5.43
C PRO A 151 -1.78 -7.82 -6.05
N ASP A 152 -2.51 -7.03 -5.26
CA ASP A 152 -3.75 -6.37 -5.71
C ASP A 152 -3.48 -4.89 -5.94
N GLU A 153 -3.12 -4.57 -7.18
CA GLU A 153 -2.75 -3.21 -7.54
C GLU A 153 -3.93 -2.25 -7.58
N SER A 154 -5.16 -2.72 -7.38
CA SER A 154 -6.29 -1.81 -7.27
C SER A 154 -6.43 -1.20 -5.89
N ILE A 155 -5.65 -1.64 -4.91
CA ILE A 155 -5.79 -1.23 -3.52
C ILE A 155 -4.62 -0.34 -3.13
N ASP A 156 -4.92 0.75 -2.41
CA ASP A 156 -3.93 1.67 -1.87
C ASP A 156 -3.99 1.54 -0.34
N LEU A 157 -2.92 1.01 0.26
CA LEU A 157 -2.94 0.78 1.72
C LEU A 157 -2.70 2.03 2.54
N TYR A 158 -2.52 3.19 1.90
CA TYR A 158 -2.27 4.42 2.64
C TYR A 158 -3.40 4.72 3.63
N GLN A 159 -4.65 4.60 3.17
CA GLN A 159 -5.78 4.89 4.05
C GLN A 159 -5.91 3.85 5.15
N VAL A 160 -5.50 2.61 4.88
CA VAL A 160 -5.57 1.56 5.89
C VAL A 160 -4.55 1.83 7.00
N ILE A 161 -3.33 2.22 6.62
CA ILE A 161 -2.32 2.56 7.62
C ILE A 161 -2.81 3.69 8.53
N HIS A 162 -3.58 4.62 7.97
CA HIS A 162 -4.12 5.73 8.78
C HIS A 162 -5.19 5.25 9.76
N LYS A 163 -5.96 4.22 9.41
CA LYS A 163 -6.95 3.69 10.36
C LYS A 163 -6.27 3.18 11.62
N MET A 164 -5.10 2.57 11.48
CA MET A 164 -4.38 1.99 12.61
C MET A 164 -4.06 3.00 13.71
N GLY B 1 13.24 30.02 7.42
CA GLY B 1 12.87 30.32 6.06
C GLY B 1 12.12 29.18 5.40
N THR B 2 11.51 28.33 6.23
CA THR B 2 10.92 27.09 5.76
C THR B 2 9.40 27.15 5.66
N SER B 3 8.76 28.31 5.89
CA SER B 3 7.30 28.37 5.91
C SER B 3 6.70 27.88 4.59
N LYS B 4 7.24 28.35 3.46
CA LYS B 4 6.67 27.98 2.17
C LYS B 4 6.81 26.48 1.94
N LEU B 5 8.00 25.95 2.17
CA LEU B 5 8.21 24.53 1.92
C LEU B 5 7.36 23.69 2.85
N LYS B 6 7.25 24.08 4.12
CA LYS B 6 6.44 23.31 5.04
C LYS B 6 4.97 23.31 4.60
N TYR B 7 4.51 24.43 4.03
CA TYR B 7 3.15 24.49 3.51
C TYR B 7 2.98 23.51 2.35
N VAL B 8 3.95 23.47 1.44
CA VAL B 8 3.86 22.56 0.30
C VAL B 8 3.82 21.11 0.78
N LEU B 9 4.54 20.81 1.86
CA LEU B 9 4.69 19.43 2.34
C LEU B 9 3.62 19.01 3.34
N GLN B 10 2.76 19.91 3.78
CA GLN B 10 1.72 19.54 4.73
C GLN B 10 0.80 18.55 4.03
N ASP B 11 0.59 17.39 4.64
CA ASP B 11 -0.33 16.38 4.11
C ASP B 11 0.19 15.74 2.80
N ALA B 12 1.51 15.73 2.61
CA ALA B 12 2.08 15.18 1.39
C ALA B 12 2.24 13.66 1.50
N ARG B 13 2.29 13.00 0.34
CA ARG B 13 2.81 11.65 0.26
C ARG B 13 4.15 11.71 -0.46
N PHE B 14 5.06 10.81 -0.09
CA PHE B 14 6.45 10.83 -0.54
C PHE B 14 6.82 9.48 -1.14
N PHE B 15 7.50 9.50 -2.27
CA PHE B 15 7.97 8.28 -2.91
C PHE B 15 9.43 8.42 -3.32
N LEU B 16 10.21 7.38 -3.04
CA LEU B 16 11.58 7.29 -3.52
C LEU B 16 11.55 6.89 -4.99
N ILE B 17 12.35 7.57 -5.80
CA ILE B 17 12.51 7.25 -7.22
C ILE B 17 13.96 6.86 -7.41
N LYS B 18 14.18 5.66 -7.95
CA LYS B 18 15.53 5.18 -8.24
C LYS B 18 15.71 5.08 -9.74
N SER B 19 16.63 5.88 -10.28
CA SER B 19 16.94 5.88 -11.69
C SER B 19 18.18 5.05 -11.94
N ASN B 20 18.14 4.26 -13.02
CA ASN B 20 19.33 3.51 -13.39
C ASN B 20 20.44 4.41 -13.92
N ASN B 21 20.09 5.59 -14.46
CA ASN B 21 21.09 6.44 -15.09
C ASN B 21 20.92 7.89 -14.67
N HIS B 22 22.02 8.64 -14.73
CA HIS B 22 21.99 10.08 -14.45
C HIS B 22 21.35 10.85 -15.58
N GLU B 23 21.44 10.33 -16.82
CA GLU B 23 20.96 11.07 -17.97
C GLU B 23 19.46 11.36 -17.87
N ASN B 24 18.66 10.38 -17.43
CA ASN B 24 17.23 10.62 -17.37
C ASN B 24 16.85 11.60 -16.27
N VAL B 25 17.63 11.62 -15.18
CA VAL B 25 17.40 12.63 -14.14
C VAL B 25 17.74 14.02 -14.67
N SER B 26 18.83 14.15 -15.43
CA SER B 26 19.15 15.44 -16.04
CA SER B 26 19.16 15.43 -16.05
C SER B 26 18.08 15.89 -17.02
N LEU B 27 17.59 14.98 -17.85
CA LEU B 27 16.47 15.28 -18.73
C LEU B 27 15.26 15.77 -17.93
N ALA B 28 14.89 15.02 -16.89
CA ALA B 28 13.70 15.32 -16.10
C ALA B 28 13.83 16.64 -15.37
N LYS B 29 15.04 16.96 -14.89
CA LYS B 29 15.28 18.21 -14.18
C LYS B 29 15.04 19.41 -15.10
N ALA B 30 15.41 19.29 -16.37
CA ALA B 30 15.29 20.43 -17.28
C ALA B 30 13.88 20.56 -17.82
N LYS B 31 13.20 19.45 -18.07
CA LYS B 31 11.93 19.45 -18.78
C LYS B 31 10.72 19.33 -17.88
N GLY B 32 10.90 18.92 -16.62
CA GLY B 32 9.78 18.81 -15.70
C GLY B 32 8.84 17.66 -15.96
N VAL B 33 9.39 16.49 -16.26
CA VAL B 33 8.60 15.29 -16.54
C VAL B 33 9.27 14.10 -15.87
N TRP B 34 8.45 13.08 -15.60
CA TRP B 34 8.97 11.79 -15.16
C TRP B 34 8.08 10.68 -15.68
N SER B 35 8.68 9.51 -15.88
CA SER B 35 7.98 8.28 -16.23
C SER B 35 8.56 7.15 -15.40
N THR B 36 7.71 6.20 -15.05
CA THR B 36 8.13 5.05 -14.25
C THR B 36 7.48 3.78 -14.79
N LEU B 37 7.80 2.65 -14.15
CA LEU B 37 7.27 1.35 -14.56
C LEU B 37 5.80 1.24 -14.15
N PRO B 38 5.06 0.29 -14.73
CA PRO B 38 3.59 0.32 -14.56
C PRO B 38 3.11 0.18 -13.13
N VAL B 39 3.77 -0.63 -12.29
CA VAL B 39 3.32 -0.78 -10.91
C VAL B 39 3.41 0.55 -10.17
N ASN B 40 4.56 1.24 -10.32
CA ASN B 40 4.71 2.54 -9.67
C ASN B 40 3.84 3.59 -10.31
N GLU B 41 3.64 3.52 -11.64
CA GLU B 41 2.77 4.49 -12.28
C GLU B 41 1.36 4.45 -11.68
N LYS B 42 0.84 3.25 -11.43
CA LYS B 42 -0.49 3.13 -10.83
C LYS B 42 -0.50 3.68 -9.40
N LYS B 43 0.52 3.35 -8.62
CA LYS B 43 0.64 3.88 -7.26
C LYS B 43 0.67 5.41 -7.26
N LEU B 44 1.42 6.01 -8.17
CA LEU B 44 1.54 7.46 -8.18
C LEU B 44 0.24 8.13 -8.63
N ASN B 45 -0.47 7.53 -9.58
CA ASN B 45 -1.75 8.09 -9.99
C ASN B 45 -2.77 8.07 -8.87
N LEU B 46 -2.82 6.97 -8.11
CA LEU B 46 -3.71 6.91 -6.96
C LEU B 46 -3.33 7.97 -5.93
N ALA B 47 -2.02 8.10 -5.67
CA ALA B 47 -1.58 9.08 -4.68
C ALA B 47 -1.91 10.51 -5.10
N PHE B 48 -1.78 10.80 -6.40
CA PHE B 48 -2.03 12.16 -6.88
C PHE B 48 -3.48 12.59 -6.62
N ARG B 49 -4.42 11.65 -6.74
CA ARG B 49 -5.82 11.97 -6.48
C ARG B 49 -6.14 12.04 -4.99
N SER B 50 -5.32 11.42 -4.15
CA SER B 50 -5.60 11.26 -2.73
C SER B 50 -4.92 12.31 -1.87
N ALA B 51 -3.82 12.88 -2.33
CA ALA B 51 -2.97 13.71 -1.49
C ALA B 51 -2.88 15.13 -2.02
N ARG B 52 -2.74 16.09 -1.10
CA ARG B 52 -2.60 17.48 -1.52
C ARG B 52 -1.30 17.70 -2.31
N SER B 53 -0.25 16.95 -1.98
CA SER B 53 1.01 16.97 -2.71
C SER B 53 1.57 15.56 -2.76
N VAL B 54 2.11 15.19 -3.91
CA VAL B 54 2.87 13.94 -4.06
C VAL B 54 4.29 14.32 -4.43
N ILE B 55 5.23 13.94 -3.58
CA ILE B 55 6.63 14.30 -3.70
C ILE B 55 7.43 13.09 -4.15
N LEU B 56 8.25 13.27 -5.18
CA LEU B 56 9.19 12.27 -5.65
C LEU B 56 10.59 12.70 -5.21
N ILE B 57 11.29 11.82 -4.51
CA ILE B 57 12.64 12.10 -4.04
C ILE B 57 13.58 11.19 -4.81
N PHE B 58 14.50 11.77 -5.58
CA PHE B 58 15.28 11.03 -6.57
C PHE B 58 16.64 10.61 -6.06
N SER B 59 17.00 9.37 -6.36
CA SER B 59 18.35 8.85 -6.10
C SER B 59 18.79 7.95 -7.25
N VAL B 60 19.89 8.34 -7.91
CA VAL B 60 20.44 7.54 -8.99
C VAL B 60 21.13 6.33 -8.38
N ARG B 61 20.88 5.15 -8.96
CA ARG B 61 21.46 3.91 -8.45
C ARG B 61 22.97 4.03 -8.31
N GLU B 62 23.48 3.65 -7.15
CA GLU B 62 24.91 3.61 -6.85
C GLU B 62 25.56 4.96 -6.69
N SER B 63 24.79 6.05 -6.68
CA SER B 63 25.39 7.37 -6.56
C SER B 63 25.76 7.77 -5.14
N GLY B 64 25.18 7.12 -4.13
CA GLY B 64 25.42 7.53 -2.77
C GLY B 64 24.74 8.83 -2.36
N LYS B 65 23.82 9.34 -3.18
CA LYS B 65 23.21 10.63 -2.93
C LYS B 65 21.78 10.63 -3.44
N PHE B 66 21.02 11.61 -2.96
CA PHE B 66 19.76 12.02 -3.58
C PHE B 66 20.10 13.19 -4.48
N GLN B 67 19.41 13.30 -5.62
CA GLN B 67 19.69 14.36 -6.58
C GLN B 67 18.66 15.47 -6.56
N GLY B 68 17.62 15.36 -5.76
CA GLY B 68 16.65 16.42 -5.62
C GLY B 68 15.28 15.84 -5.38
N PHE B 69 14.27 16.71 -5.35
CA PHE B 69 12.90 16.28 -5.16
C PHE B 69 11.94 17.22 -5.90
N ALA B 70 10.77 16.68 -6.21
CA ALA B 70 9.81 17.32 -7.11
C ALA B 70 8.41 16.94 -6.71
N ARG B 71 7.45 17.76 -7.11
CA ARG B 71 6.05 17.54 -6.81
C ARG B 71 5.30 17.24 -8.11
N LEU B 72 4.49 16.17 -8.10
CA LEU B 72 3.63 15.89 -9.25
C LEU B 72 2.65 17.04 -9.46
N SER B 73 2.55 17.49 -10.71
CA SER B 73 1.49 18.44 -11.06
C SER B 73 0.42 17.80 -11.91
N SER B 74 0.60 16.53 -12.29
CA SER B 74 -0.41 15.82 -13.06
C SER B 74 -0.32 14.34 -12.76
N GLU B 75 -1.42 13.64 -13.02
CA GLU B 75 -1.36 12.20 -13.20
C GLU B 75 -0.59 11.87 -14.48
N SER B 76 -0.27 10.60 -14.67
CA SER B 76 0.43 10.20 -15.87
C SER B 76 -0.49 10.36 -17.08
N HIS B 77 0.13 10.61 -18.23
CA HIS B 77 -0.62 10.93 -19.43
C HIS B 77 0.07 10.30 -20.63
N HIS B 78 -0.72 9.66 -21.48
CA HIS B 78 -0.22 8.97 -22.65
C HIS B 78 -0.53 9.78 -23.90
N GLY B 79 0.25 9.55 -24.94
CA GLY B 79 0.00 10.18 -26.22
C GLY B 79 0.49 11.61 -26.34
N GLY B 80 1.02 12.19 -25.28
CA GLY B 80 1.63 13.50 -25.39
C GLY B 80 2.90 13.44 -26.23
N SER B 81 3.59 14.57 -26.27
CA SER B 81 4.85 14.64 -27.00
C SER B 81 5.82 13.61 -26.44
N PRO B 82 6.39 12.75 -27.28
CA PRO B 82 7.28 11.69 -26.76
C PRO B 82 8.47 12.26 -26.01
N ILE B 83 8.77 11.66 -24.86
CA ILE B 83 9.98 11.95 -24.12
C ILE B 83 10.98 10.90 -24.53
N HIS B 84 12.15 11.32 -25.00
CA HIS B 84 13.13 10.34 -25.48
C HIS B 84 14.09 9.98 -24.36
N TRP B 85 13.53 9.26 -23.38
CA TRP B 85 14.33 8.73 -22.30
C TRP B 85 15.48 7.90 -22.84
N VAL B 86 16.58 7.87 -22.10
CA VAL B 86 17.66 6.94 -22.35
C VAL B 86 17.28 5.61 -21.71
N LEU B 87 17.08 4.59 -22.52
CA LEU B 87 16.44 3.38 -22.01
C LEU B 87 17.48 2.37 -21.53
N PRO B 88 17.33 1.84 -20.33
CA PRO B 88 18.17 0.71 -19.89
C PRO B 88 17.89 -0.55 -20.70
N ALA B 89 18.84 -1.47 -20.65
CA ALA B 89 18.72 -2.71 -21.42
C ALA B 89 17.48 -3.48 -21.01
N GLY B 90 16.79 -4.02 -22.01
CA GLY B 90 15.52 -4.69 -21.76
C GLY B 90 14.40 -3.77 -21.32
N MET B 91 14.54 -2.46 -21.51
CA MET B 91 13.51 -1.49 -21.17
C MET B 91 13.13 -0.74 -22.44
N SER B 92 11.87 -0.85 -22.84
CA SER B 92 11.39 -0.21 -24.05
C SER B 92 10.54 1.02 -23.70
N ALA B 93 10.35 1.87 -24.71
CA ALA B 93 9.60 3.11 -24.50
C ALA B 93 8.20 2.83 -23.97
N LYS B 94 7.53 1.78 -24.46
CA LYS B 94 6.20 1.46 -23.97
C LYS B 94 6.20 1.10 -22.50
N MET B 95 7.28 0.48 -22.01
CA MET B 95 7.34 0.07 -20.61
C MET B 95 7.38 1.25 -19.66
N LEU B 96 7.78 2.43 -20.13
CA LEU B 96 7.77 3.59 -19.25
C LEU B 96 6.40 4.27 -19.21
N GLY B 97 5.50 3.88 -20.11
CA GLY B 97 4.10 4.25 -19.97
C GLY B 97 3.86 5.75 -20.05
N GLY B 98 3.06 6.24 -19.12
CA GLY B 98 2.63 7.62 -19.15
C GLY B 98 3.71 8.58 -18.68
N VAL B 99 3.48 9.86 -18.97
CA VAL B 99 4.38 10.91 -18.55
C VAL B 99 3.67 11.73 -17.47
N PHE B 100 4.32 11.85 -16.31
CA PHE B 100 3.88 12.76 -15.25
C PHE B 100 4.55 14.11 -15.46
N LYS B 101 3.79 15.19 -15.31
CA LYS B 101 4.40 16.51 -15.23
C LYS B 101 4.79 16.72 -13.77
N ILE B 102 6.00 17.27 -13.56
CA ILE B 102 6.52 17.48 -12.22
C ILE B 102 7.10 18.90 -12.14
N ASP B 103 7.00 19.49 -10.95
CA ASP B 103 7.65 20.77 -10.66
C ASP B 103 8.74 20.48 -9.63
N TRP B 104 9.97 20.78 -10.00
CA TRP B 104 11.09 20.55 -9.09
C TRP B 104 11.05 21.55 -7.94
N ILE B 105 11.30 21.05 -6.74
CA ILE B 105 11.44 21.89 -5.57
CA ILE B 105 11.43 21.88 -5.55
C ILE B 105 12.89 22.10 -5.19
N CYS B 106 13.73 21.10 -5.41
CA CYS B 106 15.15 21.26 -5.20
C CYS B 106 15.85 20.36 -6.21
N ARG B 107 16.86 20.89 -6.89
CA ARG B 107 17.58 20.08 -7.85
C ARG B 107 19.02 19.90 -7.38
N ARG B 108 19.30 20.24 -6.11
CA ARG B 108 20.62 20.08 -5.53
C ARG B 108 20.75 18.73 -4.83
N GLU B 109 22.00 18.26 -4.75
CA GLU B 109 22.28 16.96 -4.16
C GLU B 109 22.25 16.99 -2.64
N LEU B 110 21.85 15.84 -2.09
CA LEU B 110 21.95 15.58 -0.65
C LEU B 110 22.65 14.23 -0.49
N PRO B 111 23.89 14.21 0.01
CA PRO B 111 24.56 12.92 0.23
C PRO B 111 23.89 12.11 1.34
N PHE B 112 23.95 10.78 1.19
CA PHE B 112 23.35 9.89 2.19
C PHE B 112 23.95 10.15 3.57
N THR B 113 25.19 10.64 3.63
CA THR B 113 25.81 10.95 4.91
C THR B 113 25.08 12.03 5.69
N LYS B 114 24.20 12.79 5.04
CA LYS B 114 23.41 13.80 5.76
C LYS B 114 22.02 13.32 6.15
N SER B 115 21.60 12.14 5.70
CA SER B 115 20.30 11.59 6.06
C SER B 115 20.41 10.33 6.91
N ALA B 116 21.61 10.03 7.44
CA ALA B 116 21.85 8.78 8.14
C ALA B 116 21.03 8.64 9.42
N HIS B 117 20.55 9.74 9.97
CA HIS B 117 19.74 9.69 11.18
C HIS B 117 18.26 9.44 10.92
N LEU B 118 17.82 9.39 9.66
CA LEU B 118 16.40 9.27 9.34
C LEU B 118 16.06 7.86 8.88
N THR B 119 15.02 7.28 9.48
CA THR B 119 14.56 5.93 9.17
C THR B 119 13.09 5.98 8.75
N ASN B 120 12.72 5.10 7.82
CA ASN B 120 11.37 5.08 7.27
C ASN B 120 10.55 4.00 7.97
N PRO B 121 9.54 4.35 8.77
CA PRO B 121 8.71 3.32 9.42
CA PRO B 121 8.74 3.30 9.41
C PRO B 121 8.02 2.40 8.43
N TRP B 122 7.72 2.85 7.21
CA TRP B 122 7.02 2.04 6.23
C TRP B 122 7.98 1.20 5.41
N ASN B 123 9.26 1.19 5.77
CA ASN B 123 10.24 0.23 5.26
C ASN B 123 11.04 -0.37 6.39
N GLU B 124 10.32 -0.95 7.37
CA GLU B 124 10.91 -1.68 8.49
C GLU B 124 11.88 -0.84 9.32
N HIS B 125 11.68 0.49 9.33
CA HIS B 125 12.49 1.39 10.15
C HIS B 125 13.96 1.39 9.69
N LYS B 126 14.18 1.08 8.40
CA LYS B 126 15.50 1.14 7.80
C LYS B 126 15.85 2.58 7.41
N PRO B 127 17.13 2.92 7.38
CA PRO B 127 17.54 4.26 6.94
C PRO B 127 16.90 4.60 5.59
N VAL B 128 16.50 5.87 5.45
CA VAL B 128 15.66 6.27 4.34
C VAL B 128 16.38 6.15 2.99
N LYS B 129 17.71 6.14 2.98
CA LYS B 129 18.44 5.90 1.74
C LYS B 129 18.17 4.51 1.19
N ILE B 130 17.72 3.57 2.02
CA ILE B 130 17.45 2.20 1.58
C ILE B 130 16.03 2.09 1.06
N GLY B 131 15.89 1.60 -0.17
CA GLY B 131 14.57 1.34 -0.71
C GLY B 131 14.59 1.10 -2.20
N ARG B 132 13.55 0.45 -2.71
CA ARG B 132 13.42 0.20 -4.14
C ARG B 132 12.73 1.39 -4.80
N ASP B 133 12.85 1.47 -6.13
CA ASP B 133 12.11 2.46 -6.90
C ASP B 133 10.65 2.39 -6.49
N GLY B 134 10.08 3.53 -6.15
CA GLY B 134 8.68 3.61 -5.76
C GLY B 134 8.39 3.39 -4.30
N GLN B 135 9.40 3.12 -3.47
CA GLN B 135 9.15 2.90 -2.06
C GLN B 135 8.50 4.12 -1.41
N GLU B 136 7.35 3.91 -0.77
CA GLU B 136 6.69 5.04 -0.13
C GLU B 136 7.34 5.37 1.21
N ILE B 137 7.52 6.66 1.46
CA ILE B 137 8.16 7.16 2.68
C ILE B 137 7.09 7.81 3.54
N GLU B 138 7.03 7.40 4.82
CA GLU B 138 6.05 7.94 5.76
C GLU B 138 6.20 9.46 5.91
N LEU B 139 5.08 10.13 6.22
CA LEU B 139 4.97 11.58 6.18
C LEU B 139 6.09 12.30 6.93
N GLU B 140 6.30 11.97 8.21
CA GLU B 140 7.27 12.75 8.96
C GLU B 140 8.69 12.49 8.49
N CYS B 141 9.02 11.24 8.17
CA CYS B 141 10.32 10.95 7.60
C CYS B 141 10.54 11.69 6.29
N GLY B 142 9.54 11.65 5.41
CA GLY B 142 9.68 12.31 4.11
C GLY B 142 9.83 13.80 4.26
N THR B 143 9.07 14.39 5.20
CA THR B 143 9.18 15.82 5.44
C THR B 143 10.57 16.20 5.92
N GLN B 144 11.08 15.46 6.92
CA GLN B 144 12.41 15.78 7.45
C GLN B 144 13.48 15.57 6.39
N LEU B 145 13.33 14.53 5.56
CA LEU B 145 14.28 14.32 4.47
C LEU B 145 14.31 15.51 3.51
N CYS B 146 13.13 15.97 3.09
CA CYS B 146 13.08 17.12 2.19
C CYS B 146 13.67 18.38 2.83
N LEU B 147 13.48 18.55 4.14
CA LEU B 147 14.00 19.74 4.79
C LEU B 147 15.52 19.73 4.90
N LEU B 148 16.16 18.56 4.72
CA LEU B 148 17.62 18.48 4.77
C LEU B 148 18.27 19.09 3.54
N PHE B 149 17.57 19.13 2.40
CA PHE B 149 18.20 19.58 1.17
C PHE B 149 18.55 21.07 1.29
N PRO B 150 19.64 21.51 0.64
CA PRO B 150 20.00 22.92 0.67
C PRO B 150 19.04 23.74 -0.17
N PRO B 151 18.96 25.04 0.07
CA PRO B 151 18.05 25.87 -0.73
C PRO B 151 18.55 25.97 -2.16
N ASP B 152 17.61 25.93 -3.10
CA ASP B 152 17.95 25.96 -4.51
C ASP B 152 17.52 27.31 -5.06
N GLU B 153 18.50 28.12 -5.44
CA GLU B 153 18.28 29.47 -5.93
C GLU B 153 17.73 29.50 -7.36
N SER B 154 17.74 28.36 -8.06
CA SER B 154 17.17 28.28 -9.40
C SER B 154 15.67 28.05 -9.37
N ILE B 155 15.11 27.76 -8.20
CA ILE B 155 13.71 27.37 -8.04
C ILE B 155 12.92 28.49 -7.40
N ASP B 156 11.71 28.71 -7.90
CA ASP B 156 10.72 29.63 -7.34
C ASP B 156 9.49 28.79 -7.00
N LEU B 157 9.17 28.70 -5.70
CA LEU B 157 8.02 27.91 -5.25
C LEU B 157 6.67 28.52 -5.57
N TYR B 158 6.65 29.72 -6.15
CA TYR B 158 5.39 30.44 -6.31
C TYR B 158 4.40 29.65 -7.16
N GLN B 159 4.86 29.11 -8.29
CA GLN B 159 3.97 28.36 -9.19
C GLN B 159 3.36 27.16 -8.49
N VAL B 160 4.16 26.43 -7.70
CA VAL B 160 3.64 25.26 -6.99
C VAL B 160 2.56 25.67 -6.00
N ILE B 161 2.83 26.73 -5.23
CA ILE B 161 1.87 27.15 -4.21
C ILE B 161 0.52 27.50 -4.82
N HIS B 162 0.51 28.07 -6.02
CA HIS B 162 -0.75 28.38 -6.69
C HIS B 162 -1.35 27.16 -7.39
N LYS B 163 -0.57 26.10 -7.61
CA LYS B 163 -1.10 24.86 -8.15
C LYS B 163 -1.86 24.06 -7.11
N MET B 164 -1.65 24.37 -5.83
CA MET B 164 -2.31 23.69 -4.74
C MET B 164 -3.62 24.40 -4.41
C10 IU2 C . -20.00 -20.97 7.74
C13 IU2 C . -19.78 -24.00 7.56
C15 IU2 C . -18.63 -21.63 7.64
C02 IU2 C . -21.92 -18.12 4.75
C04 IU2 C . -21.28 -16.38 6.38
C06 IU2 C . -21.87 -13.98 5.96
C07 IU2 C . -20.66 -17.48 7.28
C08 IU2 C . -20.71 -18.78 6.89
C11 IU2 C . -21.26 -21.82 7.74
C12 IU2 C . -21.15 -23.34 7.65
C14 IU2 C . -18.52 -23.16 7.55
C16 IU2 C . -19.71 -18.70 8.80
N03 IU2 C . -21.88 -16.75 5.14
N05 IU2 C . -21.23 -15.00 6.79
N09 IU2 C . -20.12 -19.52 7.82
N17 IU2 C . -20.04 -17.44 8.46
N18 IU2 C . -21.35 -19.16 5.59
CL01 IU2 C . -22.68 -18.61 3.21
S SO4 D . 5.22 0.23 -1.20
S SO4 D . 3.60 -0.22 -1.74
O1 SO4 D . 4.25 -0.15 -0.18
O1 SO4 D . 4.26 -0.39 -0.45
O2 SO4 D . 5.54 1.65 -1.08
O2 SO4 D . 3.52 1.22 -1.96
O3 SO4 D . 4.68 -0.08 -2.53
O3 SO4 D . 2.26 -0.78 -1.70
O4 SO4 D . 6.43 -0.54 -1.00
O4 SO4 D . 4.42 -0.77 -2.82
S SO4 E . -8.18 -21.09 18.16
O1 SO4 E . -8.47 -20.34 19.37
O2 SO4 E . -8.94 -22.35 18.18
O3 SO4 E . -8.59 -20.31 16.99
O4 SO4 E . -6.75 -21.39 18.08
S SO4 F . -24.53 -2.15 18.34
O1 SO4 F . -23.26 -1.55 18.77
O2 SO4 F . -25.60 -1.78 19.26
O3 SO4 F . -24.85 -1.69 16.99
O4 SO4 F . -24.41 -3.62 18.35
C10 IU2 G . 14.04 1.75 -12.78
C13 IU2 G . 15.37 -0.77 -11.73
C15 IU2 G . 14.03 1.48 -11.28
C02 IU2 G . 15.64 4.92 -15.74
C04 IU2 G . 13.35 5.81 -15.53
C06 IU2 G . 12.55 7.71 -16.90
C07 IU2 G . 13.02 4.67 -14.55
C08 IU2 G . 13.95 3.76 -14.23
C11 IU2 G . 14.69 0.78 -13.75
C12 IU2 G . 15.37 -0.49 -13.23
C14 IU2 G . 14.71 0.22 -10.76
C16 IU2 G . 12.11 3.29 -13.16
N03 IU2 G . 14.65 5.89 -16.11
N05 IU2 G . 12.32 6.74 -15.86
N09 IU2 G . 13.40 2.91 -13.35
N17 IU2 G . 11.88 4.40 -13.89
N18 IU2 G . 15.34 3.84 -14.82
CL01 IU2 G . 17.26 5.03 -16.44
S SO4 H . 24.58 20.84 -6.33
O1 SO4 H . 24.30 21.40 -5.01
O2 SO4 H . 23.89 21.62 -7.36
O3 SO4 H . 24.09 19.48 -6.36
O4 SO4 H . 26.01 20.89 -6.57
S SO4 I . 25.18 26.94 -0.16
O1 SO4 I . 25.77 26.93 1.17
O2 SO4 I . 23.89 26.28 -0.10
O3 SO4 I . 25.01 28.32 -0.62
O4 SO4 I . 26.08 26.26 -1.10
S SO4 J . 14.21 -1.82 -8.18
O1 SO4 J . 14.47 -0.53 -7.51
O2 SO4 J . 13.97 -2.88 -7.22
O3 SO4 J . 13.07 -1.65 -9.09
O4 SO4 J . 15.41 -2.20 -8.94
#